data_3NTC
#
_entry.id   3NTC
#
_cell.length_a   61.060
_cell.length_b   69.180
_cell.length_c   111.760
_cell.angle_alpha   90.000
_cell.angle_beta   90.000
_cell.angle_gamma   90.000
#
_symmetry.space_group_name_H-M   'P 21 21 21'
#
loop_
_entity.id
_entity.type
_entity.pdbx_description
1 polymer 'Fab light chain'
2 polymer 'Fab heavy chain'
3 non-polymer 'SULFATE ION'
4 non-polymer 1,2-ETHANEDIOL
5 non-polymer 'ACETATE ION'
6 water water
#
loop_
_entity_poly.entity_id
_entity_poly.type
_entity_poly.pdbx_seq_one_letter_code
_entity_poly.pdbx_strand_id
1 'polypeptide(L)'
;DIQMTQRPDSLSASVGDRVTMSCKSSQSLLNSGDQKNYLTWYQQKPGQPPKLLIYWASTGESGVPDRFSGSGSGTDFTFT
ISSLQPEDIATYYCQNDYSYPWTFGQGTKVEIKRTVAAPSVFIFPPSDQQLKSGTASVVCLNNNFYPKEAKVQWKVDNAL
QSGNSQESVTQQDSKDSTYSLSSTLTLSKADYEKHKVYACEVTHQGLSSPVTKSFNRGC
;
L
2 'polypeptide(L)'
;QVQLVQSGAEVKKPGASVKVSCKASGYTFTNSWIGWFRQAPGQGLEWIGDIYPGGGYTNYNEIFKGKATMTADTSTNTAY
MELSSLRSEDTAVYYCSRGIPGYAMDYWGQGTLVTVSSASTKGPSVFPLAPSSKSTSGGTAALGCLVKDYFPEPVTVSWN
SGALTSGVHTFPAVLQSSGLYSLSSVVTVPSSSLGTQTYICNVNHKPSNTKVDKKVEPKSC
;
H
#
# COMPACT_ATOMS: atom_id res chain seq x y z
N ASP A 1 1.78 1.70 30.94
CA ASP A 1 2.65 1.59 29.73
C ASP A 1 3.14 2.98 29.35
N ILE A 2 4.07 3.07 28.40
CA ILE A 2 4.60 4.35 27.98
C ILE A 2 3.84 4.87 26.77
N GLN A 3 3.28 6.07 26.89
CA GLN A 3 2.54 6.67 25.78
C GLN A 3 3.46 7.55 24.94
N MET A 4 3.41 7.37 23.63
CA MET A 4 4.23 8.14 22.72
C MET A 4 3.34 9.08 21.93
N THR A 5 3.73 10.34 21.83
CA THR A 5 2.94 11.35 21.14
C THR A 5 3.80 12.08 20.12
N GLN A 6 3.37 12.05 18.86
CA GLN A 6 4.10 12.70 17.79
C GLN A 6 3.37 13.93 17.28
N ARG A 7 4.15 14.95 16.92
CA ARG A 7 3.62 16.18 16.35
CA ARG A 7 3.59 16.16 16.33
C ARG A 7 4.53 16.63 15.21
N PRO A 8 3.95 17.16 14.12
CA PRO A 8 2.53 17.26 13.80
C PRO A 8 2.05 15.93 13.25
N ASP A 9 0.74 15.75 13.12
CA ASP A 9 0.21 14.55 12.52
C ASP A 9 0.62 14.46 11.06
N SER A 10 0.73 15.61 10.41
CA SER A 10 1.20 15.65 9.03
C SER A 10 1.79 17.01 8.76
N LEU A 11 2.62 17.08 7.73
CA LEU A 11 3.16 18.35 7.26
C LEU A 11 3.41 18.26 5.78
N SER A 12 3.45 19.43 5.14
CA SER A 12 3.77 19.52 3.72
C SER A 12 4.96 20.45 3.59
N ALA A 13 5.93 20.06 2.76
CA ALA A 13 7.12 20.88 2.56
C ALA A 13 7.60 20.75 1.12
N SER A 14 8.51 21.63 0.71
CA SER A 14 9.04 21.57 -0.64
C SER A 14 10.34 20.79 -0.65
N VAL A 15 10.65 20.20 -1.79
CA VAL A 15 11.94 19.55 -1.98
C VAL A 15 13.03 20.55 -1.62
N GLY A 16 13.99 20.09 -0.82
CA GLY A 16 15.08 20.93 -0.38
C GLY A 16 14.89 21.51 1.00
N ASP A 17 13.67 21.43 1.51
CA ASP A 17 13.33 22.03 2.80
C ASP A 17 13.88 21.21 3.95
N ARG A 18 14.28 21.88 5.00
CA ARG A 18 14.55 21.19 6.26
C ARG A 18 13.23 20.90 6.95
N VAL A 19 13.05 19.65 7.37
CA VAL A 19 11.81 19.21 7.99
C VAL A 19 12.14 18.63 9.35
N THR A 20 11.41 19.04 10.39
CA THR A 20 11.61 18.44 11.72
C THR A 20 10.28 17.99 12.28
N MET A 21 10.33 17.01 13.17
CA MET A 21 9.13 16.49 13.80
C MET A 21 9.48 16.04 15.21
N SER A 22 8.46 15.99 16.07
CA SER A 22 8.62 15.79 17.50
C SER A 22 8.02 14.46 17.95
N CYS A 23 8.64 13.85 18.95
CA CYS A 23 8.13 12.65 19.59
C CYS A 23 8.36 12.85 21.07
N LYS A 24 7.32 12.71 21.86
CA LYS A 24 7.40 12.89 23.31
C LYS A 24 6.91 11.62 23.98
N SER A 25 7.64 11.16 24.99
CA SER A 25 7.23 9.98 25.75
C SER A 25 6.68 10.41 27.10
N SER A 26 5.77 9.61 27.65
CA SER A 26 5.14 9.95 28.91
C SER A 26 6.09 9.67 30.07
N GLN A 27 7.10 8.84 29.80
CA GLN A 27 8.14 8.54 30.78
C GLN A 27 9.49 8.56 30.07
N SER A 28 10.56 8.85 30.83
CA SER A 28 11.90 8.93 30.26
C SER A 28 12.34 7.60 29.66
N LEU A 29 12.97 7.68 28.48
CA LEU A 29 13.49 6.51 27.79
C LEU A 29 14.99 6.40 28.00
N LEU A 30 15.53 7.21 28.90
CA LEU A 30 16.95 7.20 29.19
C LEU A 30 17.29 6.07 30.14
N ASN A 31 18.16 5.19 29.71
CA ASN A 31 18.56 4.04 30.51
C ASN A 31 19.76 4.43 31.36
N SER A 32 19.60 4.34 32.68
CA SER A 32 20.63 4.79 33.60
C SER A 32 21.88 3.92 33.53
N GLY A 33 21.70 2.67 33.14
CA GLY A 33 22.82 1.74 33.06
C GLY A 33 23.81 2.02 31.93
N ASP A 34 23.30 2.27 30.73
CA ASP A 34 24.19 2.42 29.59
C ASP A 34 24.08 3.79 28.93
N GLN A 35 23.26 4.66 29.51
CA GLN A 35 23.14 6.05 29.10
C GLN A 35 22.58 6.21 27.69
N LYS A 36 21.93 5.17 27.20
CA LYS A 36 21.26 5.22 25.90
C LYS A 36 19.82 5.66 26.07
N ASN A 37 19.32 6.44 25.12
CA ASN A 37 17.90 6.71 25.06
C ASN A 37 17.29 5.72 24.10
N TYR A 38 16.44 4.84 24.62
CA TYR A 38 15.91 3.75 23.82
C TYR A 38 14.68 4.17 23.04
N LEU A 39 14.93 4.98 22.02
CA LEU A 39 13.90 5.42 21.11
C LEU A 39 14.29 5.08 19.69
N THR A 40 13.35 4.55 18.93
CA THR A 40 13.60 4.11 17.56
C THR A 40 12.70 4.88 16.59
N TRP A 41 13.26 5.25 15.44
CA TRP A 41 12.49 5.90 14.38
C TRP A 41 12.40 4.98 13.17
N TYR A 42 11.17 4.83 12.66
CA TYR A 42 10.88 4.06 11.44
C TYR A 42 10.26 4.96 10.39
N GLN A 43 10.48 4.61 9.14
CA GLN A 43 9.85 5.23 7.98
C GLN A 43 8.96 4.20 7.32
N GLN A 44 7.72 4.55 7.03
CA GLN A 44 6.81 3.61 6.35
C GLN A 44 6.08 4.27 5.21
N LYS A 45 6.16 3.64 4.05
CA LYS A 45 5.39 4.07 2.88
C LYS A 45 4.18 3.17 2.69
N PRO A 46 3.14 3.68 2.05
CA PRO A 46 1.89 2.92 1.89
C PRO A 46 2.09 1.53 1.29
N GLY A 47 1.53 0.53 1.96
CA GLY A 47 1.59 -0.84 1.48
C GLY A 47 2.88 -1.54 1.82
N GLN A 48 3.83 -0.83 2.43
CA GLN A 48 5.14 -1.40 2.75
C GLN A 48 5.33 -1.59 4.26
N PRO A 49 6.25 -2.47 4.65
CA PRO A 49 6.54 -2.51 6.08
C PRO A 49 7.37 -1.31 6.52
N PRO A 50 7.39 -1.04 7.83
CA PRO A 50 8.26 -0.03 8.41
C PRO A 50 9.72 -0.33 8.11
N LYS A 51 10.50 0.73 7.91
CA LYS A 51 11.92 0.62 7.68
CA LYS A 51 11.93 0.65 7.66
C LYS A 51 12.66 1.33 8.81
N LEU A 52 13.59 0.61 9.43
CA LEU A 52 14.37 1.16 10.54
C LEU A 52 15.34 2.24 10.04
N LEU A 53 15.26 3.43 10.66
CA LEU A 53 16.15 4.54 10.31
C LEU A 53 17.15 4.85 11.42
N ILE A 54 16.65 5.00 12.64
CA ILE A 54 17.43 5.46 13.77
C ILE A 54 17.08 4.62 14.99
N TYR A 55 18.09 4.23 15.78
CA TYR A 55 17.83 3.61 17.07
C TYR A 55 18.71 4.25 18.14
N TRP A 56 18.42 3.96 19.40
CA TRP A 56 19.11 4.61 20.51
C TRP A 56 19.05 6.13 20.32
N ALA A 57 17.93 6.57 19.75
CA ALA A 57 17.59 7.97 19.58
C ALA A 57 18.38 8.68 18.48
N SER A 58 19.66 8.35 18.32
CA SER A 58 20.51 9.14 17.41
C SER A 58 21.47 8.32 16.57
N THR A 59 21.45 6.99 16.71
CA THR A 59 22.32 6.13 15.92
C THR A 59 21.65 5.73 14.62
N GLY A 60 22.24 6.13 13.50
CA GLY A 60 21.71 5.77 12.21
C GLY A 60 21.92 4.30 11.89
N GLU A 61 20.89 3.68 11.32
CA GLU A 61 20.98 2.32 10.84
C GLU A 61 21.88 2.34 9.61
N SER A 62 22.70 1.32 9.42
CA SER A 62 23.61 1.31 8.29
C SER A 62 22.85 1.49 6.98
N GLY A 63 23.35 2.37 6.12
CA GLY A 63 22.75 2.60 4.82
C GLY A 63 21.74 3.74 4.79
N VAL A 64 21.35 4.23 5.96
CA VAL A 64 20.41 5.34 6.03
C VAL A 64 21.06 6.63 5.57
N PRO A 65 20.32 7.46 4.80
CA PRO A 65 20.86 8.72 4.28
C PRO A 65 21.38 9.64 5.36
N ASP A 66 22.46 10.35 5.06
CA ASP A 66 23.06 11.30 6.01
C ASP A 66 22.08 12.42 6.36
N ARG A 67 21.12 12.68 5.49
CA ARG A 67 20.18 13.78 5.70
C ARG A 67 19.17 13.46 6.82
N PHE A 68 19.13 12.21 7.26
CA PHE A 68 18.25 11.83 8.36
C PHE A 68 19.04 11.83 9.67
N SER A 69 18.46 12.40 10.72
CA SER A 69 19.09 12.30 12.03
C SER A 69 18.08 12.41 13.16
N GLY A 70 18.36 11.68 14.24
CA GLY A 70 17.53 11.74 15.43
C GLY A 70 18.30 12.44 16.54
N SER A 71 17.57 13.11 17.43
CA SER A 71 18.19 13.83 18.52
C SER A 71 17.23 13.87 19.70
N GLY A 72 17.69 14.38 20.84
CA GLY A 72 16.85 14.49 22.02
C GLY A 72 17.24 13.51 23.10
N SER A 73 16.54 13.59 24.21
CA SER A 73 16.84 12.74 25.35
C SER A 73 15.70 12.77 26.36
N GLY A 74 15.66 11.78 27.23
CA GLY A 74 14.65 11.74 28.27
C GLY A 74 13.28 11.48 27.71
N THR A 75 12.46 12.52 27.61
CA THR A 75 11.08 12.38 27.13
C THR A 75 10.84 13.16 25.84
N ASP A 76 11.83 13.89 25.36
CA ASP A 76 11.64 14.75 24.20
C ASP A 76 12.62 14.47 23.10
N PHE A 77 12.10 14.12 21.92
CA PHE A 77 12.93 13.66 20.83
C PHE A 77 12.50 14.34 19.54
N THR A 78 13.43 14.41 18.61
CA THR A 78 13.20 15.05 17.32
CA THR A 78 13.14 14.99 17.31
C THR A 78 13.82 14.21 16.21
N PHE A 79 13.15 14.19 15.06
CA PHE A 79 13.68 13.58 13.86
C PHE A 79 13.73 14.68 12.80
N THR A 80 14.85 14.77 12.11
CA THR A 80 15.10 15.87 11.19
C THR A 80 15.56 15.34 9.85
N ILE A 81 15.00 15.90 8.78
CA ILE A 81 15.50 15.68 7.43
C ILE A 81 16.09 17.00 6.98
N SER A 82 17.41 17.03 6.77
CA SER A 82 18.10 18.30 6.53
C SER A 82 17.69 18.92 5.21
N SER A 83 17.44 18.08 4.20
CA SER A 83 17.07 18.54 2.86
C SER A 83 16.12 17.52 2.24
N LEU A 84 14.83 17.85 2.25
CA LEU A 84 13.79 16.89 1.87
C LEU A 84 13.90 16.48 0.40
N GLN A 85 13.97 15.18 0.15
CA GLN A 85 14.03 14.66 -1.22
C GLN A 85 12.71 14.01 -1.57
N PRO A 86 12.41 13.88 -2.86
CA PRO A 86 11.11 13.33 -3.27
C PRO A 86 10.82 11.95 -2.69
N GLU A 87 11.85 11.14 -2.48
CA GLU A 87 11.63 9.78 -2.02
C GLU A 87 11.38 9.71 -0.51
N ASP A 88 11.41 10.85 0.14
CA ASP A 88 11.27 10.89 1.60
C ASP A 88 9.83 11.02 2.07
N ILE A 89 8.89 11.14 1.14
CA ILE A 89 7.50 11.14 1.55
C ILE A 89 7.15 9.79 2.16
N ALA A 90 6.53 9.84 3.33
CA ALA A 90 6.28 8.65 4.13
C ALA A 90 5.64 9.08 5.43
N THR A 91 5.20 8.11 6.22
CA THR A 91 4.84 8.37 7.61
C THR A 91 6.00 7.89 8.47
N TYR A 92 6.45 8.76 9.37
CA TYR A 92 7.55 8.47 10.28
C TYR A 92 7.01 8.18 11.68
N TYR A 93 7.39 7.04 12.21
CA TYR A 93 6.90 6.60 13.53
C TYR A 93 8.04 6.56 14.54
N CYS A 94 7.79 6.98 15.78
CA CYS A 94 8.75 6.71 16.86
C CYS A 94 8.25 5.57 17.71
N GLN A 95 9.18 4.87 18.35
CA GLN A 95 8.83 3.72 19.18
C GLN A 95 9.62 3.72 20.48
N ASN A 96 8.91 3.50 21.58
CA ASN A 96 9.53 3.18 22.86
C ASN A 96 10.12 1.78 22.78
N ASP A 97 11.45 1.72 22.89
CA ASP A 97 12.26 0.50 22.88
C ASP A 97 12.85 0.28 24.28
N TYR A 98 12.45 1.12 25.23
CA TYR A 98 13.02 1.15 26.57
C TYR A 98 12.48 0.05 27.49
N SER A 99 11.16 -0.10 27.51
CA SER A 99 10.53 -1.08 28.38
C SER A 99 9.31 -1.69 27.73
N TYR A 100 9.09 -2.97 28.00
CA TYR A 100 7.90 -3.66 27.55
C TYR A 100 6.73 -3.10 28.34
N PRO A 101 5.57 -2.93 27.68
CA PRO A 101 5.38 -3.22 26.25
C PRO A 101 5.90 -2.09 25.36
N TRP A 102 6.51 -2.49 24.24
CA TRP A 102 6.88 -1.54 23.22
C TRP A 102 5.65 -0.80 22.73
N THR A 103 5.79 0.49 22.53
CA THR A 103 4.68 1.32 22.08
C THR A 103 5.13 2.31 21.04
N PHE A 104 4.21 2.72 20.18
CA PHE A 104 4.51 3.59 19.05
C PHE A 104 3.71 4.89 19.14
N GLY A 105 4.30 5.96 18.61
CA GLY A 105 3.54 7.17 18.30
C GLY A 105 2.61 6.91 17.13
N GLN A 106 1.74 7.86 16.83
CA GLN A 106 0.77 7.66 15.75
C GLN A 106 1.27 8.18 14.41
N GLY A 107 2.51 8.66 14.38
CA GLY A 107 3.19 8.96 13.13
C GLY A 107 3.08 10.41 12.71
N THR A 108 4.05 10.84 11.91
CA THR A 108 4.02 12.12 11.24
C THR A 108 4.10 11.83 9.76
N LYS A 109 3.06 12.18 9.01
CA LYS A 109 3.07 11.99 7.57
C LYS A 109 3.70 13.20 6.88
N VAL A 110 4.78 12.95 6.14
CA VAL A 110 5.51 13.98 5.42
C VAL A 110 5.11 13.95 3.95
N GLU A 111 4.57 15.07 3.47
CA GLU A 111 4.05 15.19 2.11
C GLU A 111 4.80 16.30 1.41
N ILE A 112 4.80 16.26 0.08
CA ILE A 112 5.52 17.26 -0.69
C ILE A 112 4.59 18.16 -1.46
N LYS A 113 4.91 19.46 -1.43
CA LYS A 113 4.27 20.41 -2.31
C LYS A 113 5.22 20.73 -3.45
N ARG A 114 4.66 20.78 -4.66
CA ARG A 114 5.44 20.96 -5.87
C ARG A 114 4.61 21.80 -6.84
N THR A 115 5.14 22.05 -8.03
CA THR A 115 4.44 22.87 -9.01
C THR A 115 3.19 22.15 -9.52
N VAL A 116 2.21 22.94 -9.93
CA VAL A 116 1.00 22.38 -10.51
C VAL A 116 1.34 21.64 -11.79
N ALA A 117 0.68 20.49 -11.99
CA ALA A 117 0.83 19.67 -13.18
C ALA A 117 -0.55 19.13 -13.56
N ALA A 118 -1.03 19.47 -14.73
CA ALA A 118 -2.32 18.98 -15.19
C ALA A 118 -2.27 17.49 -15.51
N PRO A 119 -3.40 16.81 -15.35
CA PRO A 119 -3.46 15.37 -15.65
C PRO A 119 -3.42 15.04 -17.14
N SER A 120 -2.84 13.90 -17.47
CA SER A 120 -2.95 13.31 -18.79
C SER A 120 -4.09 12.32 -18.74
N VAL A 121 -5.07 12.47 -19.63
CA VAL A 121 -6.33 11.74 -19.51
C VAL A 121 -6.51 10.71 -20.61
N PHE A 122 -6.81 9.48 -20.23
CA PHE A 122 -6.97 8.39 -21.17
C PHE A 122 -8.24 7.63 -20.86
N ILE A 123 -8.76 6.91 -21.83
CA ILE A 123 -9.99 6.15 -21.62
C ILE A 123 -9.88 4.76 -22.25
N PHE A 124 -10.51 3.80 -21.59
CA PHE A 124 -10.43 2.39 -21.97
C PHE A 124 -11.86 1.83 -22.03
N PRO A 125 -12.30 1.43 -23.22
CA PRO A 125 -13.59 0.74 -23.32
C PRO A 125 -13.52 -0.60 -22.57
N PRO A 126 -14.69 -1.21 -22.32
CA PRO A 126 -14.65 -2.56 -21.77
C PRO A 126 -14.02 -3.56 -22.73
N SER A 127 -13.39 -4.59 -22.18
CA SER A 127 -12.87 -5.70 -22.97
C SER A 127 -14.04 -6.54 -23.47
N ASP A 128 -13.84 -7.20 -24.60
CA ASP A 128 -14.87 -8.11 -25.09
C ASP A 128 -15.02 -9.28 -24.14
N GLN A 129 -13.94 -9.65 -23.46
CA GLN A 129 -14.00 -10.72 -22.47
C GLN A 129 -14.99 -10.35 -21.37
N GLN A 130 -14.93 -9.12 -20.88
CA GLN A 130 -15.84 -8.72 -19.81
C GLN A 130 -17.27 -8.68 -20.34
N LEU A 131 -17.44 -8.21 -21.56
CA LEU A 131 -18.78 -8.09 -22.13
C LEU A 131 -19.48 -9.45 -22.19
N LYS A 132 -18.73 -10.50 -22.53
CA LYS A 132 -19.28 -11.85 -22.53
C LYS A 132 -19.90 -12.19 -21.18
N SER A 133 -19.37 -11.61 -20.12
CA SER A 133 -19.83 -11.91 -18.76
C SER A 133 -21.10 -11.14 -18.38
N GLY A 134 -21.49 -10.17 -19.19
CA GLY A 134 -22.74 -9.45 -18.98
C GLY A 134 -22.57 -8.07 -18.36
N THR A 135 -21.33 -7.64 -18.20
CA THR A 135 -21.02 -6.37 -17.56
C THR A 135 -20.03 -5.59 -18.38
N ALA A 136 -20.04 -4.27 -18.21
CA ALA A 136 -19.16 -3.40 -18.98
C ALA A 136 -18.56 -2.34 -18.07
N SER A 137 -17.25 -2.36 -17.94
CA SER A 137 -16.56 -1.34 -17.15
C SER A 137 -15.78 -0.45 -18.10
N VAL A 138 -16.02 0.86 -17.99
CA VAL A 138 -15.23 1.82 -18.75
C VAL A 138 -14.30 2.51 -17.77
N VAL A 139 -13.02 2.58 -18.09
CA VAL A 139 -12.05 3.12 -17.17
C VAL A 139 -11.46 4.42 -17.71
N CYS A 140 -11.41 5.41 -16.83
CA CYS A 140 -10.79 6.71 -17.13
C CYS A 140 -9.56 6.86 -16.25
N LEU A 141 -8.43 7.09 -16.89
CA LEU A 141 -7.15 7.24 -16.20
C LEU A 141 -6.65 8.69 -16.27
N ASN A 142 -6.31 9.24 -15.11
CA ASN A 142 -5.72 10.57 -14.96
C ASN A 142 -4.32 10.32 -14.45
N ASN A 143 -3.31 10.60 -15.27
CA ASN A 143 -1.93 10.30 -14.90
C ASN A 143 -1.12 11.52 -14.47
N ASN A 144 -0.44 11.37 -13.35
CA ASN A 144 0.66 12.23 -12.91
C ASN A 144 0.33 13.71 -12.88
N PHE A 145 -0.53 14.06 -11.94
CA PHE A 145 -0.98 15.43 -11.76
C PHE A 145 -0.74 15.92 -10.33
N TYR A 146 -0.77 17.22 -10.16
CA TYR A 146 -0.61 17.86 -8.86
C TYR A 146 -1.31 19.22 -8.91
N PRO A 147 -2.10 19.57 -7.88
CA PRO A 147 -2.42 18.85 -6.63
C PRO A 147 -3.36 17.67 -6.83
N LYS A 148 -3.71 16.98 -5.74
CA LYS A 148 -4.44 15.72 -5.85
CA LYS A 148 -4.46 15.73 -5.80
C LYS A 148 -5.91 15.90 -6.26
N GLU A 149 -6.46 17.10 -6.06
CA GLU A 149 -7.88 17.33 -6.32
C GLU A 149 -8.21 17.43 -7.80
N ALA A 150 -8.47 16.29 -8.42
CA ALA A 150 -8.99 16.25 -9.78
C ALA A 150 -10.43 15.81 -9.70
N LYS A 151 -11.28 16.36 -10.56
CA LYS A 151 -12.69 16.02 -10.56
C LYS A 151 -13.04 15.37 -11.88
N VAL A 152 -13.63 14.19 -11.78
CA VAL A 152 -14.02 13.41 -12.95
C VAL A 152 -15.54 13.33 -13.00
N GLN A 153 -16.09 13.54 -14.19
CA GLN A 153 -17.50 13.30 -14.43
C GLN A 153 -17.66 12.42 -15.65
N TRP A 154 -18.62 11.52 -15.60
CA TRP A 154 -18.89 10.63 -16.70
C TRP A 154 -20.10 11.13 -17.46
N LYS A 155 -20.00 11.19 -18.77
CA LYS A 155 -21.14 11.52 -19.61
C LYS A 155 -21.33 10.41 -20.63
N VAL A 156 -22.56 9.93 -20.73
CA VAL A 156 -22.94 8.94 -21.73
C VAL A 156 -23.96 9.59 -22.65
N ASP A 157 -23.64 9.68 -23.94
CA ASP A 157 -24.45 10.45 -24.90
C ASP A 157 -24.73 11.87 -24.39
N ASN A 158 -23.71 12.44 -23.75
CA ASN A 158 -23.70 13.80 -23.19
C ASN A 158 -24.53 13.99 -21.94
N ALA A 159 -25.09 12.90 -21.41
CA ALA A 159 -25.87 12.95 -20.19
C ALA A 159 -24.97 12.63 -19.01
N LEU A 160 -24.93 13.54 -18.04
CA LEU A 160 -24.15 13.35 -16.83
C LEU A 160 -24.65 12.14 -16.06
N GLN A 161 -23.70 11.30 -15.64
CA GLN A 161 -24.02 10.08 -14.91
C GLN A 161 -23.90 10.31 -13.42
N SER A 162 -24.70 9.57 -12.66
CA SER A 162 -24.55 9.55 -11.21
C SER A 162 -24.81 8.14 -10.70
N GLY A 163 -24.02 7.70 -9.75
CA GLY A 163 -24.34 6.50 -9.00
C GLY A 163 -23.74 5.22 -9.56
N ASN A 164 -23.02 5.31 -10.67
CA ASN A 164 -22.54 4.11 -11.34
C ASN A 164 -21.05 4.13 -11.58
N SER A 165 -20.32 4.93 -10.80
CA SER A 165 -18.87 4.95 -10.91
C SER A 165 -18.19 4.92 -9.54
N GLN A 166 -16.93 4.48 -9.56
CA GLN A 166 -16.07 4.51 -8.37
C GLN A 166 -14.69 4.95 -8.80
N GLU A 167 -13.98 5.62 -7.90
CA GLU A 167 -12.62 6.08 -8.20
C GLU A 167 -11.71 5.93 -7.00
N SER A 168 -10.42 5.87 -7.29
CA SER A 168 -9.42 6.02 -6.22
C SER A 168 -8.18 6.72 -6.75
N VAL A 169 -7.50 7.38 -5.82
CA VAL A 169 -6.27 8.09 -6.12
CA VAL A 169 -6.27 8.12 -6.09
C VAL A 169 -5.09 7.37 -5.48
N THR A 170 -3.96 7.41 -6.15
CA THR A 170 -2.74 6.86 -5.59
C THR A 170 -2.19 7.68 -4.43
N GLN A 171 -1.31 7.04 -3.65
CA GLN A 171 -0.38 7.77 -2.83
C GLN A 171 0.48 8.69 -3.70
N GLN A 172 1.12 9.66 -3.07
CA GLN A 172 1.99 10.57 -3.79
C GLN A 172 3.21 9.81 -4.34
N ASP A 173 3.65 10.17 -5.53
CA ASP A 173 4.76 9.47 -6.21
C ASP A 173 6.10 9.82 -5.56
N SER A 174 6.92 8.80 -5.32
CA SER A 174 8.20 9.03 -4.64
CA SER A 174 8.23 8.92 -4.69
C SER A 174 9.29 9.57 -5.58
N LYS A 175 9.00 9.69 -6.88
CA LYS A 175 9.97 10.30 -7.80
C LYS A 175 9.58 11.71 -8.21
N ASP A 176 8.33 11.88 -8.63
CA ASP A 176 7.93 13.17 -9.17
C ASP A 176 6.85 13.87 -8.34
N SER A 177 6.51 13.29 -7.20
CA SER A 177 5.59 13.92 -6.24
C SER A 177 4.19 14.21 -6.80
N THR A 178 3.77 13.47 -7.83
CA THR A 178 2.43 13.62 -8.41
C THR A 178 1.49 12.56 -7.88
N TYR A 179 0.23 12.64 -8.30
CA TYR A 179 -0.82 11.67 -7.99
C TYR A 179 -1.38 11.17 -9.32
N SER A 180 -2.00 10.00 -9.29
CA SER A 180 -2.77 9.52 -10.42
C SER A 180 -4.13 9.05 -9.91
N LEU A 181 -5.10 8.96 -10.79
CA LEU A 181 -6.45 8.60 -10.40
C LEU A 181 -7.06 7.71 -11.45
N SER A 182 -7.81 6.72 -11.00
CA SER A 182 -8.53 5.82 -11.88
C SER A 182 -10.00 5.84 -11.48
N SER A 183 -10.87 6.02 -12.49
CA SER A 183 -12.29 6.00 -12.27
C SER A 183 -12.91 4.95 -13.18
N THR A 184 -13.82 4.17 -12.64
CA THR A 184 -14.49 3.14 -13.42
C THR A 184 -16.00 3.39 -13.44
N LEU A 185 -16.55 3.46 -14.64
CA LEU A 185 -17.99 3.50 -14.86
C LEU A 185 -18.47 2.09 -15.15
N THR A 186 -19.35 1.53 -14.32
CA THR A 186 -19.82 0.17 -14.58
C THR A 186 -21.30 0.09 -14.90
N LEU A 187 -21.60 -0.50 -16.05
CA LEU A 187 -22.96 -0.67 -16.54
C LEU A 187 -23.22 -2.13 -16.92
N SER A 188 -24.48 -2.53 -16.94
CA SER A 188 -24.82 -3.84 -17.51
C SER A 188 -24.46 -3.80 -18.98
N LYS A 189 -24.19 -4.96 -19.57
CA LYS A 189 -23.85 -5.02 -20.99
C LYS A 189 -25.01 -4.43 -21.77
N ALA A 190 -26.22 -4.70 -21.30
CA ALA A 190 -27.42 -4.23 -21.96
C ALA A 190 -27.46 -2.70 -22.03
N ASP A 191 -27.18 -2.02 -20.92
CA ASP A 191 -27.20 -0.56 -20.91
C ASP A 191 -26.06 -0.03 -21.76
N TYR A 192 -24.91 -0.66 -21.67
CA TYR A 192 -23.75 -0.22 -22.45
C TYR A 192 -24.08 -0.22 -23.93
N GLU A 193 -24.77 -1.25 -24.39
CA GLU A 193 -25.06 -1.41 -25.82
C GLU A 193 -26.14 -0.44 -26.32
N LYS A 194 -26.84 0.22 -25.39
CA LYS A 194 -27.93 1.16 -25.75
C LYS A 194 -27.44 2.58 -26.04
N HIS A 195 -26.16 2.85 -25.80
CA HIS A 195 -25.65 4.21 -25.96
C HIS A 195 -24.37 4.18 -26.77
N LYS A 196 -24.00 5.34 -27.33
CA LYS A 196 -22.91 5.38 -28.27
C LYS A 196 -21.67 6.07 -27.72
N VAL A 197 -21.82 7.27 -27.20
CA VAL A 197 -20.67 8.07 -26.78
C VAL A 197 -20.40 7.95 -25.30
N TYR A 198 -19.20 7.51 -24.97
CA TYR A 198 -18.74 7.41 -23.60
C TYR A 198 -17.60 8.39 -23.35
N ALA A 199 -17.79 9.28 -22.40
CA ALA A 199 -16.86 10.35 -22.15
C ALA A 199 -16.54 10.54 -20.67
N CYS A 200 -15.28 10.78 -20.39
CA CYS A 200 -14.91 11.23 -19.06
CA CYS A 200 -14.80 11.18 -19.08
C CYS A 200 -14.37 12.65 -19.14
N GLU A 201 -14.94 13.49 -18.31
CA GLU A 201 -14.64 14.91 -18.31
C GLU A 201 -13.91 15.27 -17.02
N VAL A 202 -12.77 15.91 -17.17
CA VAL A 202 -11.90 16.18 -16.04
C VAL A 202 -11.70 17.67 -15.82
N THR A 203 -11.86 18.12 -14.58
CA THR A 203 -11.44 19.45 -14.19
C THR A 203 -10.32 19.34 -13.15
N HIS A 204 -9.40 20.29 -13.19
CA HIS A 204 -8.23 20.26 -12.33
C HIS A 204 -7.65 21.65 -12.33
N GLN A 205 -6.96 21.98 -11.25
CA GLN A 205 -6.42 23.33 -11.02
CA GLN A 205 -6.55 23.36 -11.09
C GLN A 205 -5.44 23.76 -12.07
N GLY A 206 -4.86 22.78 -12.76
CA GLY A 206 -3.88 23.03 -13.81
C GLY A 206 -4.47 23.17 -15.21
N LEU A 207 -5.81 23.10 -15.30
CA LEU A 207 -6.52 23.21 -16.57
C LEU A 207 -7.41 24.44 -16.58
N SER A 208 -7.33 25.25 -17.64
CA SER A 208 -8.16 26.44 -17.75
C SER A 208 -9.64 26.10 -17.95
N SER A 209 -9.88 25.02 -18.69
CA SER A 209 -11.24 24.54 -18.90
C SER A 209 -11.20 23.01 -18.90
N PRO A 210 -12.37 22.37 -18.86
CA PRO A 210 -12.36 20.91 -18.72
C PRO A 210 -11.68 20.19 -19.88
N VAL A 211 -11.12 19.02 -19.59
CA VAL A 211 -10.55 18.16 -20.62
CA VAL A 211 -10.58 18.16 -20.64
C VAL A 211 -11.38 16.88 -20.68
N THR A 212 -11.74 16.47 -21.88
CA THR A 212 -12.60 15.32 -22.08
CA THR A 212 -12.59 15.30 -22.06
C THR A 212 -11.93 14.28 -22.97
N LYS A 213 -12.04 13.02 -22.57
CA LYS A 213 -11.57 11.91 -23.38
C LYS A 213 -12.80 11.04 -23.61
N SER A 214 -13.02 10.61 -24.84
CA SER A 214 -14.22 9.86 -25.16
C SER A 214 -13.99 8.88 -26.29
N PHE A 215 -14.93 7.96 -26.44
CA PHE A 215 -14.94 7.07 -27.58
C PHE A 215 -16.39 6.76 -27.94
N ASN A 216 -16.58 6.32 -29.18
CA ASN A 216 -17.87 5.81 -29.61
C ASN A 216 -17.84 4.29 -29.60
N ARG A 217 -18.76 3.70 -28.87
CA ARG A 217 -18.88 2.26 -28.82
C ARG A 217 -18.99 1.72 -30.24
N GLY A 218 -18.11 0.78 -30.58
CA GLY A 218 -18.16 0.14 -31.87
C GLY A 218 -17.56 0.95 -33.01
N CYS A 219 -16.63 1.84 -32.70
CA CYS A 219 -15.97 2.63 -33.72
C CYS A 219 -14.47 2.36 -33.74
N GLN B 1 20.07 -9.61 2.40
CA GLN B 1 20.45 -11.01 2.73
C GLN B 1 19.64 -11.61 3.87
N VAL B 2 19.53 -10.89 4.97
CA VAL B 2 18.54 -11.24 5.98
C VAL B 2 17.18 -11.10 5.31
N GLN B 3 16.37 -12.15 5.41
CA GLN B 3 15.03 -12.16 4.82
C GLN B 3 14.03 -12.81 5.77
N LEU B 4 12.88 -12.15 5.94
CA LEU B 4 11.73 -12.73 6.63
C LEU B 4 10.55 -12.78 5.66
N VAL B 5 10.08 -13.98 5.37
CA VAL B 5 9.00 -14.20 4.41
C VAL B 5 7.74 -14.70 5.11
N GLN B 6 6.67 -13.92 5.04
CA GLN B 6 5.44 -14.24 5.75
C GLN B 6 4.46 -15.01 4.89
N SER B 7 3.54 -15.70 5.54
CA SER B 7 2.51 -16.46 4.85
C SER B 7 1.49 -15.50 4.25
N GLY B 8 0.62 -16.01 3.39
CA GLY B 8 -0.28 -15.17 2.62
C GLY B 8 -1.50 -14.70 3.39
N ALA B 9 -2.10 -13.63 2.89
CA ALA B 9 -3.33 -13.10 3.47
C ALA B 9 -4.41 -14.16 3.50
N GLU B 10 -5.28 -14.09 4.51
CA GLU B 10 -6.39 -15.02 4.64
C GLU B 10 -7.62 -14.34 5.19
N VAL B 11 -8.78 -14.88 4.84
CA VAL B 11 -10.01 -14.53 5.53
C VAL B 11 -10.27 -15.61 6.57
N LYS B 12 -10.82 -15.20 7.71
CA LYS B 12 -11.16 -16.10 8.80
C LYS B 12 -12.51 -15.73 9.38
N LYS B 13 -13.30 -16.72 9.75
CA LYS B 13 -14.60 -16.43 10.35
C LYS B 13 -14.43 -16.00 11.79
N PRO B 14 -15.37 -15.20 12.29
CA PRO B 14 -15.31 -14.84 13.71
C PRO B 14 -15.32 -16.10 14.57
N GLY B 15 -14.46 -16.13 15.57
CA GLY B 15 -14.39 -17.25 16.50
C GLY B 15 -13.26 -18.20 16.13
N ALA B 16 -12.76 -18.06 14.91
CA ALA B 16 -11.73 -18.96 14.41
C ALA B 16 -10.38 -18.52 14.92
N SER B 17 -9.36 -19.32 14.59
CA SER B 17 -7.98 -18.97 14.87
CA SER B 17 -7.98 -18.97 14.87
C SER B 17 -7.21 -18.87 13.57
N VAL B 18 -6.09 -18.16 13.60
CA VAL B 18 -5.24 -18.04 12.43
C VAL B 18 -3.81 -18.18 12.90
N LYS B 19 -2.98 -18.84 12.12
CA LYS B 19 -1.58 -18.99 12.45
C LYS B 19 -0.74 -18.43 11.30
N VAL B 20 -0.12 -17.29 11.56
CA VAL B 20 0.72 -16.60 10.58
C VAL B 20 2.13 -17.13 10.70
N SER B 21 2.82 -17.35 9.59
CA SER B 21 4.18 -17.83 9.67
C SER B 21 5.18 -16.80 9.15
N CYS B 22 6.43 -16.98 9.55
CA CYS B 22 7.52 -16.04 9.27
C CYS B 22 8.78 -16.86 9.07
N LYS B 23 9.14 -17.12 7.81
CA LYS B 23 10.31 -17.93 7.48
C LYS B 23 11.56 -17.07 7.40
N ALA B 24 12.54 -17.39 8.24
CA ALA B 24 13.75 -16.58 8.39
C ALA B 24 14.93 -17.20 7.65
N SER B 25 15.75 -16.34 7.05
CA SER B 25 16.97 -16.79 6.40
C SER B 25 18.02 -15.68 6.36
N GLY B 26 19.28 -16.05 6.11
CA GLY B 26 20.35 -15.06 5.99
C GLY B 26 21.02 -14.69 7.30
N TYR B 27 20.66 -15.37 8.39
CA TYR B 27 21.29 -15.14 9.68
C TYR B 27 21.05 -16.33 10.61
N THR B 28 21.69 -16.32 11.77
CA THR B 28 21.53 -17.42 12.72
C THR B 28 20.22 -17.26 13.52
N PHE B 29 19.24 -18.10 13.17
CA PHE B 29 17.87 -18.01 13.70
C PHE B 29 17.77 -18.07 15.22
N THR B 30 18.64 -18.84 15.86
CA THR B 30 18.56 -18.97 17.32
C THR B 30 19.21 -17.81 18.06
N ASN B 31 19.79 -16.86 17.34
CA ASN B 31 20.55 -15.78 17.99
C ASN B 31 19.89 -14.40 17.91
N SER B 32 18.69 -14.34 17.35
CA SER B 32 17.96 -13.09 17.25
C SER B 32 16.52 -13.27 17.69
N TRP B 33 15.97 -12.20 18.24
CA TRP B 33 14.54 -12.15 18.57
C TRP B 33 13.73 -11.99 17.30
N ILE B 34 12.56 -12.60 17.28
CA ILE B 34 11.53 -12.29 16.30
C ILE B 34 10.45 -11.47 17.00
N GLY B 35 10.17 -10.28 16.48
CA GLY B 35 9.11 -9.44 17.02
C GLY B 35 7.87 -9.52 16.17
N TRP B 36 6.71 -9.42 16.81
CA TRP B 36 5.45 -9.46 16.09
C TRP B 36 4.67 -8.20 16.40
N PHE B 37 4.06 -7.64 15.36
CA PHE B 37 3.35 -6.38 15.45
C PHE B 37 2.13 -6.46 14.57
N ARG B 38 1.16 -5.60 14.80
CA ARG B 38 0.08 -5.47 13.83
CA ARG B 38 0.10 -5.48 13.81
C ARG B 38 -0.30 -4.03 13.59
N GLN B 39 -0.96 -3.80 12.48
CA GLN B 39 -1.31 -2.45 12.09
C GLN B 39 -2.67 -2.45 11.42
N ALA B 40 -3.56 -1.59 11.92
CA ALA B 40 -4.82 -1.31 11.20
C ALA B 40 -4.76 0.14 10.68
N PRO B 41 -5.32 0.39 9.48
CA PRO B 41 -5.18 1.75 8.94
C PRO B 41 -5.87 2.80 9.81
N GLY B 42 -5.21 3.94 9.98
CA GLY B 42 -5.70 5.01 10.84
C GLY B 42 -5.38 4.79 12.32
N GLN B 43 -5.07 3.56 12.70
CA GLN B 43 -4.95 3.20 14.12
C GLN B 43 -3.52 2.81 14.50
N GLY B 44 -2.61 2.93 13.55
CA GLY B 44 -1.19 2.75 13.83
C GLY B 44 -0.72 1.35 14.21
N LEU B 45 0.45 1.34 14.85
CA LEU B 45 1.26 0.14 15.06
C LEU B 45 1.16 -0.31 16.51
N GLU B 46 0.99 -1.62 16.70
CA GLU B 46 0.93 -2.18 18.04
CA GLU B 46 0.86 -2.22 18.02
C GLU B 46 1.83 -3.40 18.13
N TRP B 47 2.53 -3.49 19.24
CA TRP B 47 3.39 -4.64 19.51
C TRP B 47 2.55 -5.79 20.06
N ILE B 48 2.73 -6.98 19.50
CA ILE B 48 2.06 -8.17 20.00
C ILE B 48 2.96 -8.92 20.97
N GLY B 49 4.23 -9.12 20.60
CA GLY B 49 5.14 -9.87 21.44
C GLY B 49 6.46 -10.14 20.74
N ASP B 50 7.40 -10.75 21.45
CA ASP B 50 8.59 -11.26 20.80
C ASP B 50 8.98 -12.63 21.34
N ILE B 51 9.75 -13.35 20.54
CA ILE B 51 10.18 -14.70 20.86
C ILE B 51 11.65 -14.85 20.51
N TYR B 52 12.41 -15.50 21.37
CA TYR B 52 13.80 -15.81 21.12
C TYR B 52 13.88 -17.31 20.81
N PRO B 53 14.10 -17.68 19.54
CA PRO B 53 14.02 -19.08 19.13
C PRO B 53 15.05 -20.01 19.80
N GLY B 54 16.16 -19.46 20.28
CA GLY B 54 17.13 -20.26 21.01
C GLY B 54 16.70 -20.43 22.47
N GLY B 55 15.66 -21.23 22.68
CA GLY B 55 15.09 -21.41 24.00
C GLY B 55 13.58 -21.24 24.00
N GLY B 56 13.08 -20.43 23.08
CA GLY B 56 11.64 -20.28 22.88
C GLY B 56 10.98 -19.31 23.85
N TYR B 57 11.79 -18.45 24.47
CA TYR B 57 11.30 -17.48 25.45
C TYR B 57 10.46 -16.42 24.78
N THR B 58 9.36 -16.07 25.42
CA THR B 58 8.39 -15.12 24.85
C THR B 58 8.03 -14.00 25.82
N ASN B 59 7.89 -12.79 25.27
CA ASN B 59 7.29 -11.68 25.98
C ASN B 59 6.05 -11.25 25.20
N TYR B 60 4.95 -11.03 25.92
CA TYR B 60 3.68 -10.61 25.31
C TYR B 60 3.25 -9.24 25.81
N ASN B 61 2.60 -8.50 24.92
CA ASN B 61 1.84 -7.35 25.32
C ASN B 61 0.60 -7.85 26.06
N GLU B 62 0.38 -7.35 27.27
CA GLU B 62 -0.73 -7.77 28.11
C GLU B 62 -2.07 -7.73 27.36
N ILE B 63 -2.24 -6.80 26.43
CA ILE B 63 -3.49 -6.70 25.70
C ILE B 63 -3.70 -7.91 24.79
N PHE B 64 -2.62 -8.61 24.44
CA PHE B 64 -2.69 -9.80 23.61
C PHE B 64 -2.45 -11.11 24.35
N LYS B 65 -2.18 -11.04 25.66
CA LYS B 65 -1.98 -12.25 26.45
C LYS B 65 -3.26 -13.08 26.47
N GLY B 66 -3.10 -14.38 26.24
CA GLY B 66 -4.22 -15.31 26.28
C GLY B 66 -4.88 -15.49 24.93
N LYS B 67 -4.61 -14.58 24.00
CA LYS B 67 -5.18 -14.67 22.67
CA LYS B 67 -5.19 -14.61 22.66
C LYS B 67 -4.11 -14.91 21.61
N ALA B 68 -2.91 -14.40 21.85
CA ALA B 68 -1.80 -14.62 20.92
C ALA B 68 -0.81 -15.63 21.48
N THR B 69 -0.30 -16.49 20.61
CA THR B 69 0.71 -17.47 21.01
C THR B 69 1.81 -17.50 19.97
N MET B 70 3.02 -17.16 20.39
CA MET B 70 4.20 -17.23 19.53
C MET B 70 4.93 -18.53 19.76
N THR B 71 5.37 -19.15 18.66
CA THR B 71 6.21 -20.32 18.74
C THR B 71 7.26 -20.19 17.66
N ALA B 72 8.29 -21.02 17.75
CA ALA B 72 9.37 -20.99 16.78
C ALA B 72 9.90 -22.39 16.60
N ASP B 73 10.06 -22.78 15.35
CA ASP B 73 10.55 -24.10 14.98
C ASP B 73 11.98 -23.97 14.44
N THR B 74 12.96 -24.37 15.23
CA THR B 74 14.36 -24.17 14.90
C THR B 74 14.89 -25.15 13.86
N SER B 75 14.09 -26.16 13.50
CA SER B 75 14.50 -27.08 12.45
C SER B 75 14.17 -26.52 11.07
N THR B 76 13.21 -25.60 11.00
CA THR B 76 12.84 -24.97 9.73
C THR B 76 13.04 -23.46 9.76
N ASN B 77 13.58 -22.96 10.86
CA ASN B 77 13.78 -21.52 11.05
C ASN B 77 12.53 -20.74 10.68
N THR B 78 11.41 -21.19 11.22
CA THR B 78 10.14 -20.55 10.99
C THR B 78 9.50 -20.17 12.33
N ALA B 79 9.07 -18.92 12.45
CA ALA B 79 8.32 -18.49 13.62
C ALA B 79 6.86 -18.36 13.26
N TYR B 80 5.99 -18.54 14.26
CA TYR B 80 4.56 -18.57 14.06
C TYR B 80 3.87 -17.71 15.10
N MET B 81 2.81 -17.04 14.68
CA MET B 81 1.97 -16.33 15.64
C MET B 81 0.55 -16.78 15.42
N GLU B 82 -0.01 -17.42 16.43
CA GLU B 82 -1.39 -17.86 16.36
C GLU B 82 -2.27 -16.89 17.14
N LEU B 83 -3.33 -16.39 16.51
CA LEU B 83 -4.25 -15.53 17.20
C LEU B 83 -5.59 -16.25 17.26
N SER B 84 -6.15 -16.35 18.45
CA SER B 84 -7.36 -17.13 18.66
C SER B 84 -8.57 -16.24 18.92
N SER B 85 -9.76 -16.83 18.89
CA SER B 85 -11.00 -16.14 19.18
C SER B 85 -11.12 -14.88 18.35
N LEU B 86 -10.98 -15.02 17.03
CA LEU B 86 -10.88 -13.86 16.16
C LEU B 86 -12.18 -13.05 16.13
N ARG B 87 -12.02 -11.74 16.14
CA ARG B 87 -13.13 -10.78 16.06
C ARG B 87 -12.89 -9.87 14.88
N SER B 88 -13.90 -9.13 14.46
CA SER B 88 -13.74 -8.15 13.39
C SER B 88 -12.55 -7.21 13.64
N GLU B 89 -12.39 -6.80 14.89
CA GLU B 89 -11.34 -5.84 15.26
C GLU B 89 -9.93 -6.39 15.07
N ASP B 90 -9.80 -7.70 14.88
CA ASP B 90 -8.50 -8.29 14.62
C ASP B 90 -8.11 -8.21 13.16
N THR B 91 -8.97 -7.62 12.34
CA THR B 91 -8.63 -7.41 10.93
C THR B 91 -7.49 -6.41 10.89
N ALA B 92 -6.35 -6.84 10.34
CA ALA B 92 -5.14 -6.03 10.40
C ALA B 92 -4.02 -6.67 9.61
N VAL B 93 -2.98 -5.89 9.38
CA VAL B 93 -1.76 -6.42 8.79
C VAL B 93 -0.85 -6.83 9.94
N TYR B 94 -0.44 -8.09 9.93
CA TYR B 94 0.46 -8.64 10.92
C TYR B 94 1.88 -8.71 10.35
N TYR B 95 2.84 -8.19 11.10
CA TYR B 95 4.25 -8.18 10.70
C TYR B 95 5.12 -8.98 11.65
N CYS B 96 6.13 -9.66 11.11
CA CYS B 96 7.24 -10.14 11.91
C CYS B 96 8.48 -9.31 11.58
N SER B 97 9.46 -9.37 12.46
CA SER B 97 10.67 -8.58 12.34
C SER B 97 11.78 -9.29 13.10
N ARG B 98 13.01 -8.88 12.85
CA ARG B 98 14.19 -9.53 13.43
C ARG B 98 14.96 -8.52 14.28
N GLY B 99 15.35 -8.93 15.48
CA GLY B 99 16.02 -8.02 16.38
C GLY B 99 17.20 -8.67 17.08
N ILE B 100 18.40 -8.24 16.70
CA ILE B 100 19.60 -8.63 17.42
C ILE B 100 19.50 -8.10 18.86
N PRO B 101 19.84 -8.93 19.85
CA PRO B 101 19.75 -8.46 21.23
C PRO B 101 20.51 -7.14 21.47
N GLY B 102 19.83 -6.16 22.05
CA GLY B 102 20.42 -4.85 22.31
C GLY B 102 20.11 -3.82 21.25
N TYR B 103 19.53 -4.28 20.15
CA TYR B 103 19.31 -3.43 18.99
C TYR B 103 17.82 -3.35 18.67
N ALA B 104 17.49 -2.65 17.59
CA ALA B 104 16.11 -2.43 17.24
C ALA B 104 15.64 -3.47 16.24
N MET B 105 14.33 -3.57 16.08
CA MET B 105 13.74 -4.51 15.15
C MET B 105 13.90 -4.04 13.72
N ASP B 106 14.44 -4.92 12.89
CA ASP B 106 14.79 -4.59 11.52
C ASP B 106 14.30 -5.70 10.57
N TYR B 107 14.54 -5.55 9.29
CA TYR B 107 14.17 -6.57 8.31
C TYR B 107 12.74 -7.07 8.46
N TRP B 108 11.82 -6.15 8.62
CA TRP B 108 10.43 -6.54 8.76
C TRP B 108 9.96 -7.34 7.55
N GLY B 109 9.14 -8.37 7.81
CA GLY B 109 8.46 -9.08 6.76
C GLY B 109 7.49 -8.17 6.02
N GLN B 110 6.90 -8.69 4.96
CA GLN B 110 6.10 -7.86 4.08
CA GLN B 110 6.08 -7.92 4.04
C GLN B 110 4.68 -7.70 4.58
N GLY B 111 4.36 -8.35 5.69
CA GLY B 111 3.04 -8.23 6.27
C GLY B 111 2.05 -9.27 5.75
N THR B 112 1.11 -9.64 6.61
CA THR B 112 0.06 -10.58 6.28
C THR B 112 -1.27 -9.98 6.69
N LEU B 113 -2.13 -9.71 5.72
CA LEU B 113 -3.44 -9.13 6.01
C LEU B 113 -4.42 -10.25 6.36
N VAL B 114 -4.84 -10.28 7.62
CA VAL B 114 -5.88 -11.20 8.05
C VAL B 114 -7.19 -10.43 8.15
N THR B 115 -8.20 -10.91 7.44
CA THR B 115 -9.52 -10.28 7.46
C THR B 115 -10.48 -11.20 8.16
N VAL B 116 -11.12 -10.70 9.21
CA VAL B 116 -12.12 -11.47 9.95
C VAL B 116 -13.51 -11.10 9.47
N SER B 117 -14.17 -12.06 8.85
CA SER B 117 -15.46 -11.84 8.20
CA SER B 117 -15.48 -11.84 8.26
C SER B 117 -16.18 -13.16 8.01
N SER B 118 -17.51 -13.11 7.98
CA SER B 118 -18.34 -14.27 7.71
C SER B 118 -18.45 -14.56 6.21
N ALA B 119 -18.05 -13.61 5.38
CA ALA B 119 -18.19 -13.75 3.94
C ALA B 119 -17.11 -14.67 3.39
N SER B 120 -17.46 -15.47 2.39
CA SER B 120 -16.52 -16.40 1.76
CA SER B 120 -16.48 -16.39 1.80
C SER B 120 -15.56 -15.67 0.83
N THR B 121 -14.39 -16.24 0.59
CA THR B 121 -13.43 -15.65 -0.32
CA THR B 121 -13.43 -15.63 -0.31
C THR B 121 -13.97 -15.74 -1.73
N LYS B 122 -13.57 -14.79 -2.57
CA LYS B 122 -13.95 -14.79 -3.96
C LYS B 122 -12.77 -14.26 -4.75
N GLY B 123 -12.31 -15.04 -5.71
CA GLY B 123 -11.19 -14.66 -6.54
C GLY B 123 -11.60 -13.63 -7.59
N PRO B 124 -10.63 -12.85 -8.06
CA PRO B 124 -10.92 -11.77 -9.00
C PRO B 124 -11.08 -12.25 -10.43
N SER B 125 -11.80 -11.49 -11.24
CA SER B 125 -11.77 -11.62 -12.68
C SER B 125 -10.77 -10.58 -13.16
N VAL B 126 -9.95 -10.90 -14.14
CA VAL B 126 -8.94 -9.95 -14.63
C VAL B 126 -9.18 -9.65 -16.11
N PHE B 127 -9.31 -8.37 -16.43
CA PHE B 127 -9.61 -7.95 -17.79
C PHE B 127 -8.52 -7.00 -18.27
N PRO B 128 -8.19 -7.06 -19.56
CA PRO B 128 -7.18 -6.15 -20.09
C PRO B 128 -7.73 -4.74 -20.31
N LEU B 129 -6.85 -3.77 -20.14
CA LEU B 129 -7.08 -2.40 -20.56
C LEU B 129 -6.06 -2.17 -21.69
N ALA B 130 -6.50 -2.43 -22.92
CA ALA B 130 -5.59 -2.45 -24.06
C ALA B 130 -5.10 -1.05 -24.40
N PRO B 131 -3.83 -0.94 -24.82
CA PRO B 131 -3.36 0.34 -25.36
C PRO B 131 -4.12 0.62 -26.65
N SER B 132 -4.34 1.90 -26.94
CA SER B 132 -5.09 2.29 -28.12
C SER B 132 -4.79 3.74 -28.45
N SER B 133 -5.42 4.25 -29.50
CA SER B 133 -5.26 5.66 -29.83
C SER B 133 -5.83 6.57 -28.74
N LYS B 134 -6.64 6.01 -27.85
CA LYS B 134 -7.23 6.78 -26.74
C LYS B 134 -6.41 6.71 -25.44
N SER B 135 -5.28 6.01 -25.49
CA SER B 135 -4.37 5.96 -24.35
C SER B 135 -2.95 6.45 -24.68
N THR B 136 -2.78 7.12 -25.80
CA THR B 136 -1.47 7.65 -26.17
C THR B 136 -1.29 9.10 -25.74
N SER B 137 -0.03 9.47 -25.51
CA SER B 137 0.36 10.84 -25.22
C SER B 137 1.81 11.03 -25.67
N GLY B 138 2.03 11.84 -26.70
CA GLY B 138 3.37 12.18 -27.14
C GLY B 138 4.37 11.04 -27.26
N GLY B 139 3.97 9.94 -27.88
CA GLY B 139 4.89 8.83 -28.12
C GLY B 139 4.89 7.77 -27.03
N THR B 140 4.09 7.97 -25.99
CA THR B 140 3.90 6.92 -24.99
C THR B 140 2.49 6.38 -25.09
N ALA B 141 2.27 5.20 -24.52
CA ALA B 141 0.97 4.57 -24.50
C ALA B 141 0.74 4.00 -23.12
N ALA B 142 -0.47 4.16 -22.61
CA ALA B 142 -0.85 3.57 -21.35
C ALA B 142 -1.65 2.29 -21.62
N LEU B 143 -1.49 1.32 -20.73
CA LEU B 143 -2.21 0.06 -20.81
C LEU B 143 -2.35 -0.45 -19.38
N GLY B 144 -3.14 -1.50 -19.17
CA GLY B 144 -3.39 -1.91 -17.82
C GLY B 144 -4.19 -3.18 -17.69
N CYS B 145 -4.53 -3.47 -16.44
CA CYS B 145 -5.40 -4.57 -16.08
C CYS B 145 -6.43 -4.07 -15.08
N LEU B 146 -7.67 -4.50 -15.26
CA LEU B 146 -8.76 -4.27 -14.33
C LEU B 146 -9.00 -5.56 -13.56
N VAL B 147 -8.91 -5.49 -12.24
CA VAL B 147 -9.05 -6.66 -11.39
C VAL B 147 -10.36 -6.47 -10.62
N LYS B 148 -11.38 -7.23 -11.02
CA LYS B 148 -12.75 -6.98 -10.60
C LYS B 148 -13.24 -8.04 -9.60
N ASP B 149 -14.12 -7.59 -8.69
CA ASP B 149 -14.96 -8.48 -7.87
C ASP B 149 -14.25 -9.54 -7.03
N TYR B 150 -13.39 -9.12 -6.12
CA TYR B 150 -12.73 -10.08 -5.24
C TYR B 150 -12.99 -9.76 -3.77
N PHE B 151 -12.77 -10.76 -2.92
CA PHE B 151 -12.89 -10.56 -1.49
C PHE B 151 -12.09 -11.64 -0.77
N PRO B 152 -11.41 -11.28 0.32
CA PRO B 152 -11.17 -9.95 0.88
C PRO B 152 -9.99 -9.32 0.19
N GLU B 153 -9.50 -8.18 0.65
CA GLU B 153 -8.20 -7.68 0.21
C GLU B 153 -7.15 -8.63 0.78
N PRO B 154 -5.93 -8.60 0.23
CA PRO B 154 -5.47 -7.77 -0.87
C PRO B 154 -5.27 -8.54 -2.17
N VAL B 155 -5.20 -7.80 -3.27
CA VAL B 155 -4.67 -8.28 -4.53
C VAL B 155 -3.35 -7.55 -4.71
N THR B 156 -2.34 -8.27 -5.20
CA THR B 156 -1.09 -7.64 -5.63
C THR B 156 -0.98 -7.74 -7.15
N VAL B 157 -0.36 -6.75 -7.76
CA VAL B 157 -0.12 -6.77 -9.19
C VAL B 157 1.33 -6.41 -9.46
N SER B 158 1.99 -7.22 -10.27
CA SER B 158 3.27 -6.83 -10.85
C SER B 158 3.12 -6.86 -12.36
N TRP B 159 4.12 -6.33 -13.05
CA TRP B 159 4.18 -6.34 -14.50
C TRP B 159 5.44 -7.07 -14.95
N ASN B 160 5.28 -7.98 -15.89
CA ASN B 160 6.40 -8.73 -16.47
C ASN B 160 7.26 -9.34 -15.37
N SER B 161 6.57 -9.97 -14.42
CA SER B 161 7.18 -10.67 -13.29
C SER B 161 8.10 -9.81 -12.45
N GLY B 162 7.84 -8.51 -12.42
CA GLY B 162 8.61 -7.58 -11.60
C GLY B 162 9.69 -6.84 -12.35
N ALA B 163 9.87 -7.15 -13.63
CA ALA B 163 10.94 -6.52 -14.41
C ALA B 163 10.50 -5.18 -14.99
N LEU B 164 9.20 -4.89 -14.90
CA LEU B 164 8.67 -3.60 -15.37
C LEU B 164 8.04 -2.88 -14.17
N THR B 165 8.70 -1.84 -13.70
CA THR B 165 8.24 -1.12 -12.52
C THR B 165 8.09 0.36 -12.80
N SER B 166 8.91 0.90 -13.69
CA SER B 166 8.84 2.31 -14.00
CA SER B 166 8.85 2.31 -14.03
C SER B 166 7.51 2.62 -14.67
N GLY B 167 6.88 3.71 -14.26
CA GLY B 167 5.64 4.15 -14.88
C GLY B 167 4.41 3.34 -14.53
N VAL B 168 4.55 2.45 -13.54
CA VAL B 168 3.43 1.66 -13.06
C VAL B 168 2.66 2.41 -11.98
N HIS B 169 1.33 2.37 -12.06
CA HIS B 169 0.48 2.82 -10.99
C HIS B 169 -0.53 1.74 -10.69
N THR B 170 -0.47 1.16 -9.50
CA THR B 170 -1.48 0.22 -9.04
C THR B 170 -2.31 0.94 -8.00
N PHE B 171 -3.58 1.10 -8.30
CA PHE B 171 -4.46 1.95 -7.51
C PHE B 171 -5.04 1.25 -6.28
N PRO B 172 -5.33 2.02 -5.23
CA PRO B 172 -6.04 1.44 -4.09
C PRO B 172 -7.38 0.85 -4.53
N ALA B 173 -7.75 -0.25 -3.91
CA ALA B 173 -9.00 -0.92 -4.23
C ALA B 173 -10.19 -0.06 -3.83
N VAL B 174 -11.30 -0.22 -4.55
CA VAL B 174 -12.56 0.40 -4.17
C VAL B 174 -13.54 -0.68 -3.75
N LEU B 175 -14.40 -0.28 -2.82
CA LEU B 175 -15.45 -1.11 -2.27
C LEU B 175 -16.71 -0.96 -3.09
N GLN B 176 -17.17 -2.05 -3.68
CA GLN B 176 -18.41 -2.04 -4.44
C GLN B 176 -19.60 -2.23 -3.51
N SER B 177 -20.81 -1.97 -4.01
CA SER B 177 -22.00 -2.06 -3.16
C SER B 177 -22.18 -3.48 -2.63
N SER B 178 -21.71 -4.45 -3.42
CA SER B 178 -21.83 -5.86 -3.07
C SER B 178 -20.94 -6.28 -1.91
N GLY B 179 -19.98 -5.43 -1.56
CA GLY B 179 -18.99 -5.77 -0.54
C GLY B 179 -17.73 -6.40 -1.14
N LEU B 180 -17.73 -6.63 -2.46
CA LEU B 180 -16.52 -7.05 -3.16
C LEU B 180 -15.64 -5.85 -3.49
N TYR B 181 -14.39 -6.11 -3.86
CA TYR B 181 -13.45 -5.06 -4.18
C TYR B 181 -13.05 -5.13 -5.64
N SER B 182 -12.61 -4.01 -6.17
CA SER B 182 -11.97 -3.96 -7.49
CA SER B 182 -11.95 -4.00 -7.47
C SER B 182 -10.79 -3.02 -7.46
N LEU B 183 -9.82 -3.25 -8.32
CA LEU B 183 -8.73 -2.31 -8.47
C LEU B 183 -8.22 -2.33 -9.89
N SER B 184 -7.45 -1.33 -10.24
CA SER B 184 -6.78 -1.35 -11.54
CA SER B 184 -6.80 -1.26 -11.55
C SER B 184 -5.31 -1.08 -11.36
N SER B 185 -4.55 -1.52 -12.34
CA SER B 185 -3.13 -1.28 -12.42
C SER B 185 -2.83 -0.89 -13.86
N VAL B 186 -2.06 0.16 -14.06
CA VAL B 186 -1.69 0.62 -15.39
C VAL B 186 -0.19 0.86 -15.47
N VAL B 187 0.30 0.97 -16.69
CA VAL B 187 1.70 1.28 -16.91
C VAL B 187 1.80 2.06 -18.21
N THR B 188 2.72 3.00 -18.24
CA THR B 188 2.99 3.75 -19.45
C THR B 188 4.28 3.24 -20.07
N VAL B 189 4.23 2.98 -21.37
CA VAL B 189 5.37 2.39 -22.09
C VAL B 189 5.59 3.11 -23.42
N PRO B 190 6.71 2.83 -24.09
CA PRO B 190 6.88 3.49 -25.40
C PRO B 190 5.88 2.97 -26.42
N SER B 191 5.32 3.86 -27.23
CA SER B 191 4.40 3.40 -28.26
CA SER B 191 4.40 3.44 -28.28
C SER B 191 5.18 2.70 -29.37
N SER B 192 6.43 3.12 -29.58
CA SER B 192 7.23 2.62 -30.69
C SER B 192 7.39 1.11 -30.68
N SER B 193 7.40 0.53 -29.49
CA SER B 193 7.75 -0.88 -29.35
C SER B 193 6.57 -1.77 -28.93
N LEU B 194 5.34 -1.30 -29.10
CA LEU B 194 4.19 -2.12 -28.71
C LEU B 194 4.16 -3.44 -29.49
N GLY B 195 4.71 -3.43 -30.69
CA GLY B 195 4.75 -4.61 -31.52
C GLY B 195 5.73 -5.68 -31.06
N THR B 196 6.82 -5.27 -30.41
CA THR B 196 7.90 -6.21 -30.09
C THR B 196 7.93 -6.58 -28.61
N GLN B 197 7.36 -5.74 -27.74
CA GLN B 197 7.34 -6.02 -26.32
C GLN B 197 6.03 -6.69 -25.95
N THR B 198 5.98 -7.36 -24.89
CA THR B 198 4.93 -8.15 -24.35
C THR B 198 4.74 -7.65 -22.92
N TYR B 199 3.52 -7.26 -22.60
CA TYR B 199 3.18 -6.76 -21.28
C TYR B 199 2.17 -7.70 -20.65
N ILE B 200 2.55 -8.24 -19.49
CA ILE B 200 1.74 -9.21 -18.77
C ILE B 200 1.54 -8.69 -17.34
N CYS B 201 0.29 -8.56 -16.90
CA CYS B 201 0.06 -8.21 -15.50
C CYS B 201 -0.10 -9.50 -14.72
N ASN B 202 0.67 -9.61 -13.65
CA ASN B 202 0.64 -10.78 -12.79
C ASN B 202 -0.15 -10.45 -11.54
N VAL B 203 -1.32 -11.05 -11.45
CA VAL B 203 -2.25 -10.75 -10.39
C VAL B 203 -2.28 -11.90 -9.41
N ASN B 204 -2.08 -11.60 -8.14
CA ASN B 204 -2.17 -12.61 -7.09
C ASN B 204 -3.18 -12.21 -6.01
N HIS B 205 -4.11 -13.11 -5.71
CA HIS B 205 -5.06 -12.94 -4.64
C HIS B 205 -4.89 -14.15 -3.73
N LYS B 206 -4.02 -14.03 -2.73
CA LYS B 206 -3.66 -15.19 -1.93
C LYS B 206 -4.81 -15.79 -1.13
N PRO B 207 -5.76 -14.95 -0.67
CA PRO B 207 -6.84 -15.54 0.13
C PRO B 207 -7.63 -16.63 -0.60
N SER B 208 -7.71 -16.54 -1.94
CA SER B 208 -8.44 -17.51 -2.73
C SER B 208 -7.51 -18.40 -3.54
N ASN B 209 -6.22 -18.27 -3.30
CA ASN B 209 -5.20 -19.00 -4.05
C ASN B 209 -5.37 -18.83 -5.55
N THR B 210 -5.62 -17.59 -5.96
CA THR B 210 -5.77 -17.27 -7.37
C THR B 210 -4.56 -16.51 -7.87
N LYS B 211 -3.95 -17.02 -8.95
CA LYS B 211 -2.92 -16.31 -9.68
C LYS B 211 -3.36 -16.23 -11.14
N VAL B 212 -3.35 -15.03 -11.70
CA VAL B 212 -3.69 -14.85 -13.10
C VAL B 212 -2.59 -14.05 -13.76
N ASP B 213 -2.13 -14.50 -14.92
CA ASP B 213 -1.17 -13.74 -15.73
C ASP B 213 -1.86 -13.34 -17.02
N LYS B 214 -2.15 -12.06 -17.17
CA LYS B 214 -2.92 -11.60 -18.33
C LYS B 214 -2.05 -10.78 -19.27
N LYS B 215 -1.94 -11.24 -20.51
CA LYS B 215 -1.23 -10.51 -21.54
C LYS B 215 -2.15 -9.39 -22.04
N VAL B 216 -1.59 -8.20 -22.16
CA VAL B 216 -2.34 -7.02 -22.54
C VAL B 216 -1.72 -6.48 -23.82
N GLU B 217 -2.49 -6.52 -24.90
CA GLU B 217 -1.94 -6.11 -26.18
C GLU B 217 -2.90 -5.19 -26.91
N PRO B 218 -2.39 -4.45 -27.92
CA PRO B 218 -3.31 -3.70 -28.78
C PRO B 218 -4.20 -4.67 -29.49
N LYS B 219 -5.45 -4.31 -29.74
CA LYS B 219 -6.44 -5.23 -30.29
CA LYS B 219 -6.36 -5.25 -30.36
C LYS B 219 -6.88 -4.75 -31.67
N SER B 220 -7.14 -5.69 -32.59
CA SER B 220 -7.63 -5.34 -33.91
C SER B 220 -9.10 -4.97 -33.78
N CYS B 221 -9.52 -3.99 -34.57
CA CYS B 221 -10.88 -3.46 -34.48
C CYS B 221 -11.83 -4.22 -35.39
#